data_7GTL
#
_entry.id   7GTL
#
_cell.length_a   89.623
_cell.length_b   89.623
_cell.length_c   106.240
_cell.angle_alpha   90.000
_cell.angle_beta   90.000
_cell.angle_gamma   120.000
#
_symmetry.space_group_name_H-M   'P 31 2 1'
#
loop_
_entity.id
_entity.type
_entity.pdbx_description
1 polymer 'Tyrosine-protein phosphatase non-receptor type 1'
2 non-polymer 2-AMINO-2-HYDROXYMETHYL-PROPANE-1,3-DIOL
3 non-polymer 'benzyl (3aS,8aS)-1-oxooctahydropyrrolo[3,4-d]azepine-6(1H)-carboxylate'
4 water water
#
_entity_poly.entity_id   1
_entity_poly.type   'polypeptide(L)'
_entity_poly.pdbx_seq_one_letter_code
;MEMEKEFEQIDKSGSWAAIYQDIRHEASDFPSRVAKLPKNKNRNRYRDVSPFDHSRIKLHQEDNDYINASLIKMEEAQRS
YILTQGPLPNTVGHFWEMVWEQKSRGVVMLNRVMEKGSLKCAQYWPQKEEKEMIFEDTNLKLTLISEDIKSYYTVRQLEL
ENLTTQETREILHFHYTTWPDFGVPESPASFLNFLFKVRESGSLSPEHGPVVVHCSAGIGRSGTFCLADTCLLLMDKRKD
PSSVDIKKVLLEMRKFRMGLIQTADQLRFSYLAVIEGAKFIMGDSSVQDQWKELSHEDLEPPPEHIPPPPRPPKRILEPH
N
;
_entity_poly.pdbx_strand_id   A
#
loop_
_chem_comp.id
_chem_comp.type
_chem_comp.name
_chem_comp.formula
A1ABW non-polymer 'benzyl (3aS,8aS)-1-oxooctahydropyrrolo[3,4-d]azepine-6(1H)-carboxylate' 'C16 H20 N2 O3'
TRS non-polymer 2-AMINO-2-HYDROXYMETHYL-PROPANE-1,3-DIOL 'C4 H12 N O3 1'
#
# COMPACT_ATOMS: atom_id res chain seq x y z
N MET A 1 -27.30 0.57 -2.06
CA MET A 1 -27.76 -0.55 -1.17
C MET A 1 -26.76 -0.69 -0.01
N GLU A 2 -27.19 -0.38 1.23
CA GLU A 2 -26.39 -0.61 2.47
C GLU A 2 -25.51 -1.85 2.25
N MET A 3 -24.18 -1.66 2.23
CA MET A 3 -23.22 -2.71 1.79
C MET A 3 -23.27 -3.93 2.73
N GLU A 4 -23.68 -3.76 3.99
CA GLU A 4 -23.83 -4.90 4.94
C GLU A 4 -24.96 -5.82 4.45
N LYS A 5 -26.06 -5.26 3.95
CA LYS A 5 -27.17 -6.10 3.43
C LYS A 5 -26.65 -6.76 2.15
N GLU A 6 -25.95 -6.00 1.31
CA GLU A 6 -25.30 -6.56 0.11
C GLU A 6 -24.38 -7.71 0.54
N PHE A 7 -23.67 -7.52 1.67
CA PHE A 7 -22.70 -8.52 2.21
C PHE A 7 -23.44 -9.81 2.56
N GLU A 8 -24.49 -9.72 3.38
CA GLU A 8 -25.26 -10.90 3.85
C GLU A 8 -25.84 -11.65 2.63
N GLN A 9 -26.35 -10.93 1.63
CA GLN A 9 -26.91 -11.48 0.36
C GLN A 9 -25.84 -12.29 -0.42
N ILE A 10 -24.60 -11.81 -0.51
CA ILE A 10 -23.51 -12.53 -1.23
C ILE A 10 -23.06 -13.74 -0.39
N ASP A 11 -22.94 -13.56 0.94
CA ASP A 11 -22.62 -14.69 1.87
C ASP A 11 -23.67 -15.80 1.70
N LYS A 12 -24.95 -15.48 1.84
CA LYS A 12 -26.03 -16.51 1.88
C LYS A 12 -26.09 -17.21 0.53
N SER A 13 -25.80 -16.49 -0.55
CA SER A 13 -25.82 -17.01 -1.94
C SER A 13 -24.46 -17.62 -2.33
N GLY A 14 -23.41 -17.41 -1.53
CA GLY A 14 -22.06 -17.89 -1.81
C GLY A 14 -21.55 -17.42 -3.17
N SER A 15 -21.67 -16.13 -3.48
CA SER A 15 -21.37 -15.59 -4.84
C SER A 15 -20.15 -14.65 -4.89
N TRP A 16 -19.24 -14.77 -3.91
CA TRP A 16 -18.04 -13.90 -3.81
C TRP A 16 -17.15 -14.09 -5.05
N ALA A 17 -16.99 -15.33 -5.52
CA ALA A 17 -16.19 -15.65 -6.73
C ALA A 17 -16.80 -14.94 -7.96
N ALA A 18 -18.13 -14.89 -8.03
CA ALA A 18 -18.83 -14.32 -9.20
C ALA A 18 -18.67 -12.80 -9.19
N ILE A 19 -18.86 -12.17 -8.03
CA ILE A 19 -18.71 -10.69 -7.84
C ILE A 19 -17.28 -10.28 -8.25
N TYR A 20 -16.27 -11.02 -7.79
CA TYR A 20 -14.84 -10.71 -8.02
C TYR A 20 -14.52 -10.76 -9.52
N GLN A 21 -14.89 -11.86 -10.18
CA GLN A 21 -14.66 -12.00 -11.66
C GLN A 21 -15.30 -10.82 -12.40
N ASP A 22 -16.48 -10.35 -12.01
CA ASP A 22 -17.17 -9.17 -12.65
C ASP A 22 -16.26 -7.93 -12.54
N ILE A 23 -15.67 -7.69 -11.37
CA ILE A 23 -14.67 -6.59 -11.20
C ILE A 23 -13.50 -6.85 -12.13
N ARG A 24 -12.96 -8.08 -12.18
CA ARG A 24 -11.81 -8.36 -13.08
C ARG A 24 -12.20 -8.02 -14.53
N HIS A 25 -13.42 -8.30 -14.94
CA HIS A 25 -13.90 -8.10 -16.34
C HIS A 25 -13.97 -6.59 -16.66
N GLU A 26 -14.50 -5.77 -15.75
CA GLU A 26 -14.74 -4.31 -15.96
C GLU A 26 -13.46 -3.46 -15.72
N ALA A 27 -12.38 -4.02 -15.20
CA ALA A 27 -11.22 -3.20 -14.75
C ALA A 27 -10.54 -2.57 -15.97
N SER A 28 -9.95 -1.41 -15.79
CA SER A 28 -9.24 -0.64 -16.83
C SER A 28 -8.06 -1.46 -17.36
N ASP A 29 -7.73 -1.26 -18.63
CA ASP A 29 -6.50 -1.81 -19.24
C ASP A 29 -5.79 -0.62 -19.89
N PHE A 30 -4.62 -0.26 -19.37
CA PHE A 30 -3.82 0.86 -19.90
C PHE A 30 -2.44 0.31 -20.24
N PRO A 31 -1.68 0.94 -21.14
CA PRO A 31 -0.34 0.49 -21.46
C PRO A 31 0.65 0.62 -20.27
N SER A 32 1.61 -0.32 -20.22
CA SER A 32 2.77 -0.42 -19.29
C SER A 32 4.06 -0.60 -20.08
N ARG A 33 4.33 0.26 -21.05
CA ARG A 33 5.44 0.04 -22.03
C ARG A 33 6.78 0.25 -21.33
N VAL A 34 6.94 1.27 -20.49
CA VAL A 34 8.25 1.49 -19.79
C VAL A 34 8.63 0.26 -18.95
N ALA A 35 7.68 -0.29 -18.19
CA ALA A 35 7.90 -1.47 -17.31
C ALA A 35 8.49 -2.64 -18.12
N LYS A 36 8.14 -2.79 -19.41
CA LYS A 36 8.47 -4.01 -20.20
C LYS A 36 9.74 -3.80 -21.01
N LEU A 37 10.36 -2.61 -21.02
CA LEU A 37 11.66 -2.42 -21.70
C LEU A 37 12.68 -3.43 -21.16
N PRO A 38 13.51 -4.04 -22.04
CA PRO A 38 14.57 -4.96 -21.62
C PRO A 38 15.47 -4.41 -20.49
N LYS A 39 15.86 -3.14 -20.51
CA LYS A 39 16.74 -2.55 -19.46
C LYS A 39 16.06 -2.63 -18.06
N ASN A 40 14.77 -2.92 -17.93
CA ASN A 40 14.06 -2.82 -16.61
C ASN A 40 13.68 -4.20 -16.08
N LYS A 41 14.14 -5.26 -16.75
CA LYS A 41 13.73 -6.64 -16.36
C LYS A 41 14.07 -6.90 -14.89
N ASN A 42 15.27 -6.54 -14.44
CA ASN A 42 15.66 -6.84 -13.04
C ASN A 42 15.08 -5.80 -12.08
N ARG A 43 14.21 -4.88 -12.53
CA ARG A 43 13.55 -3.88 -11.63
C ARG A 43 12.14 -4.33 -11.27
N ASN A 44 11.71 -5.49 -11.78
CA ASN A 44 10.34 -6.01 -11.61
C ASN A 44 10.42 -7.34 -10.88
N ARG A 45 9.69 -7.48 -9.78
CA ARG A 45 9.64 -8.75 -9.04
C ARG A 45 8.81 -9.76 -9.83
N TYR A 46 7.67 -9.36 -10.40
CA TYR A 46 6.70 -10.26 -11.08
C TYR A 46 6.43 -9.75 -12.50
N ARG A 47 6.55 -10.64 -13.48
CA ARG A 47 6.40 -10.35 -14.94
C ARG A 47 4.96 -9.88 -15.23
N ASP A 48 3.99 -10.28 -14.42
CA ASP A 48 2.56 -9.97 -14.66
C ASP A 48 2.06 -8.81 -13.75
N VAL A 49 2.94 -8.09 -13.03
CA VAL A 49 2.52 -6.92 -12.19
C VAL A 49 3.38 -5.72 -12.54
N SER A 50 2.82 -4.77 -13.26
CA SER A 50 3.53 -3.60 -13.82
C SER A 50 2.70 -2.35 -13.57
N PRO A 51 3.37 -1.22 -13.36
CA PRO A 51 2.66 0.07 -13.27
C PRO A 51 2.25 0.54 -14.68
N PHE A 52 1.06 1.14 -14.81
CA PHE A 52 0.63 1.85 -16.05
C PHE A 52 1.58 3.02 -16.29
N ASP A 53 1.85 3.34 -17.57
CA ASP A 53 2.70 4.50 -17.93
C ASP A 53 2.10 5.82 -17.40
N HIS A 54 0.79 6.00 -17.38
CA HIS A 54 0.18 7.33 -17.14
C HIS A 54 0.33 7.68 -15.64
N SER A 55 0.32 6.68 -14.75
CA SER A 55 0.33 6.85 -13.26
C SER A 55 1.65 6.39 -12.63
N ARG A 56 2.70 6.06 -13.40
CA ARG A 56 3.94 5.52 -12.77
C ARG A 56 4.68 6.66 -12.06
N ILE A 57 5.34 6.35 -10.94
CA ILE A 57 6.27 7.30 -10.27
C ILE A 57 7.57 7.30 -11.06
N LYS A 58 8.03 8.48 -11.44
CA LYS A 58 9.35 8.70 -12.09
C LYS A 58 10.43 9.11 -11.07
N LEU A 59 11.54 8.37 -11.05
CA LEU A 59 12.78 8.77 -10.31
C LEU A 59 13.37 10.02 -10.96
N HIS A 60 13.91 10.96 -10.16
CA HIS A 60 14.51 12.23 -10.68
C HIS A 60 15.96 11.95 -11.09
N GLN A 61 16.16 11.23 -12.19
CA GLN A 61 17.51 11.02 -12.76
C GLN A 61 17.39 10.72 -14.25
N GLU A 62 18.39 11.15 -15.02
CA GLU A 62 18.39 11.11 -16.51
C GLU A 62 18.74 9.68 -16.97
N ASP A 63 19.51 8.94 -16.17
CA ASP A 63 20.00 7.58 -16.49
C ASP A 63 18.80 6.65 -16.74
N ASN A 64 18.05 6.30 -15.70
CA ASN A 64 16.88 5.39 -15.83
C ASN A 64 15.88 5.81 -14.76
N ASP A 65 14.72 6.32 -15.14
CA ASP A 65 13.75 6.95 -14.19
C ASP A 65 12.77 5.89 -13.65
N TYR A 66 12.96 4.62 -13.97
CA TYR A 66 11.92 3.57 -13.76
C TYR A 66 11.96 2.97 -12.34
N ILE A 67 10.79 2.84 -11.72
CA ILE A 67 10.53 1.99 -10.51
C ILE A 67 9.13 1.41 -10.64
N ASN A 68 8.94 0.20 -10.14
CA ASN A 68 7.60 -0.44 -10.10
C ASN A 68 6.83 0.18 -8.93
N ALA A 69 6.18 1.31 -9.20
CA ALA A 69 5.35 2.08 -8.25
C ALA A 69 4.36 2.97 -9.02
N SER A 70 3.18 3.13 -8.44
CA SER A 70 2.01 3.85 -9.03
C SER A 70 1.45 4.92 -8.07
N LEU A 71 1.08 6.11 -8.58
CA LEU A 71 0.33 7.12 -7.79
C LEU A 71 -1.18 6.89 -7.88
N ILE A 72 -1.87 6.52 -6.79
CA ILE A 72 -3.35 6.34 -6.74
C ILE A 72 -3.92 7.67 -6.18
N LYS A 73 -4.52 8.53 -7.04
CA LYS A 73 -5.04 9.86 -6.61
C LYS A 73 -6.56 9.82 -6.47
N MET A 74 -7.11 9.85 -5.25
CA MET A 74 -8.57 9.70 -5.03
C MET A 74 -9.18 11.11 -4.88
N GLU A 75 -9.84 11.60 -5.93
CA GLU A 75 -10.21 13.04 -6.07
C GLU A 75 -11.24 13.43 -5.01
N GLU A 76 -12.37 12.72 -4.92
CA GLU A 76 -13.45 13.06 -3.94
C GLU A 76 -12.96 12.89 -2.48
N ALA A 77 -12.24 11.81 -2.18
CA ALA A 77 -11.72 11.56 -0.80
C ALA A 77 -10.58 12.53 -0.47
N GLN A 78 -9.91 13.16 -1.45
CA GLN A 78 -8.74 14.04 -1.18
C GLN A 78 -7.66 13.22 -0.45
N ARG A 79 -7.37 12.00 -0.92
CA ARG A 79 -6.25 11.13 -0.45
C ARG A 79 -5.48 10.64 -1.65
N SER A 80 -4.16 10.63 -1.54
CA SER A 80 -3.20 10.01 -2.49
C SER A 80 -2.39 8.91 -1.80
N TYR A 81 -2.09 7.83 -2.54
CA TYR A 81 -1.20 6.73 -2.07
C TYR A 81 -0.19 6.41 -3.17
N ILE A 82 1.05 6.07 -2.79
CA ILE A 82 1.94 5.33 -3.71
C ILE A 82 1.92 3.86 -3.36
N LEU A 83 1.50 3.01 -4.30
CA LEU A 83 1.54 1.53 -4.15
C LEU A 83 2.73 0.98 -4.93
N THR A 84 3.58 0.20 -4.25
CA THR A 84 4.84 -0.31 -4.85
C THR A 84 5.06 -1.77 -4.44
N GLN A 85 5.88 -2.46 -5.20
CA GLN A 85 6.33 -3.85 -4.89
C GLN A 85 7.28 -3.78 -3.68
N GLY A 86 7.43 -4.89 -2.94
CA GLY A 86 8.54 -5.04 -1.97
C GLY A 86 9.88 -4.83 -2.70
N PRO A 87 10.80 -4.01 -2.18
CA PRO A 87 12.08 -3.77 -2.85
C PRO A 87 12.90 -5.04 -3.13
N LEU A 88 13.60 -5.03 -4.25
CA LEU A 88 14.54 -6.08 -4.68
C LEU A 88 15.96 -5.68 -4.26
N PRO A 89 16.90 -6.64 -4.23
CA PRO A 89 18.26 -6.35 -3.84
C PRO A 89 18.84 -5.22 -4.69
N ASN A 90 18.50 -5.17 -5.98
CA ASN A 90 19.05 -4.06 -6.80
C ASN A 90 18.13 -2.81 -6.85
N THR A 91 16.99 -2.75 -6.17
CA THR A 91 16.11 -1.55 -6.18
C THR A 91 15.96 -0.90 -4.79
N VAL A 92 16.70 -1.34 -3.77
CA VAL A 92 16.56 -0.71 -2.42
C VAL A 92 16.96 0.76 -2.49
N GLY A 93 18.01 1.09 -3.23
CA GLY A 93 18.45 2.50 -3.34
C GLY A 93 17.41 3.35 -4.05
N HIS A 94 16.80 2.83 -5.14
CA HIS A 94 15.66 3.47 -5.89
C HIS A 94 14.48 3.75 -4.95
N PHE A 95 14.12 2.76 -4.13
CA PHE A 95 12.99 2.82 -3.18
C PHE A 95 13.20 4.05 -2.30
N TRP A 96 14.37 4.20 -1.67
CA TRP A 96 14.57 5.32 -0.72
C TRP A 96 14.70 6.65 -1.50
N GLU A 97 15.27 6.65 -2.70
CA GLU A 97 15.24 7.84 -3.58
C GLU A 97 13.79 8.32 -3.79
N MET A 98 12.87 7.40 -4.08
CA MET A 98 11.45 7.72 -4.31
C MET A 98 10.86 8.34 -3.03
N VAL A 99 11.08 7.71 -1.88
CA VAL A 99 10.57 8.26 -0.58
C VAL A 99 11.02 9.72 -0.45
N TRP A 100 12.29 9.98 -0.71
CA TRP A 100 12.91 11.31 -0.56
C TRP A 100 12.25 12.30 -1.54
N GLU A 101 12.24 11.94 -2.83
CA GLU A 101 11.78 12.84 -3.91
C GLU A 101 10.29 13.13 -3.80
N GLN A 102 9.46 12.20 -3.32
CA GLN A 102 8.00 12.37 -3.21
C GLN A 102 7.59 13.00 -1.89
N LYS A 103 8.54 13.26 -0.98
CA LYS A 103 8.33 13.93 0.35
C LYS A 103 7.41 13.13 1.27
N SER A 104 7.43 11.80 1.15
CA SER A 104 6.63 10.91 1.99
C SER A 104 7.11 11.01 3.45
N ARG A 105 6.18 10.87 4.38
CA ARG A 105 6.39 10.84 5.86
C ARG A 105 6.37 9.39 6.36
N GLY A 106 5.54 8.54 5.74
CA GLY A 106 5.28 7.17 6.18
C GLY A 106 5.56 6.14 5.12
N VAL A 107 5.99 4.95 5.55
CA VAL A 107 6.09 3.69 4.75
C VAL A 107 5.24 2.65 5.45
N VAL A 108 4.28 2.04 4.76
CA VAL A 108 3.38 0.99 5.30
C VAL A 108 3.79 -0.36 4.68
N MET A 109 4.19 -1.33 5.51
CA MET A 109 4.70 -2.65 5.06
C MET A 109 3.73 -3.69 5.57
N LEU A 110 3.11 -4.48 4.67
CA LEU A 110 2.03 -5.42 5.05
C LEU A 110 2.51 -6.89 4.96
N ASN A 111 3.80 -7.14 4.72
CA ASN A 111 4.34 -8.51 4.59
C ASN A 111 5.53 -8.70 5.55
N ARG A 112 5.96 -9.96 5.76
CA ARG A 112 7.22 -10.34 6.43
C ARG A 112 8.26 -10.52 5.34
N VAL A 113 9.53 -10.29 5.66
CA VAL A 113 10.66 -10.45 4.71
C VAL A 113 10.67 -11.91 4.19
N MET A 114 10.34 -12.86 5.06
CA MET A 114 10.19 -14.28 4.66
C MET A 114 8.78 -14.76 5.00
N GLU A 115 8.13 -15.36 4.00
CA GLU A 115 6.77 -15.98 4.14
C GLU A 115 6.75 -17.27 3.30
N LYS A 116 6.11 -18.32 3.80
CA LYS A 116 6.00 -19.63 3.08
C LYS A 116 7.40 -20.13 2.67
N GLY A 117 8.42 -19.85 3.48
CA GLY A 117 9.81 -20.27 3.28
C GLY A 117 10.55 -19.62 2.14
N SER A 118 10.07 -18.50 1.54
CA SER A 118 10.78 -17.78 0.43
C SER A 118 10.92 -16.29 0.76
N LEU A 119 11.84 -15.60 0.11
CA LEU A 119 12.07 -14.16 0.38
C LEU A 119 11.01 -13.35 -0.40
N LYS A 120 10.16 -12.60 0.30
CA LYS A 120 9.10 -11.76 -0.33
C LYS A 120 9.54 -10.30 -0.54
N CYS A 121 10.60 -9.85 0.15
CA CYS A 121 11.29 -8.57 -0.15
C CYS A 121 12.64 -8.46 0.58
N ALA A 122 13.49 -7.58 0.10
CA ALA A 122 14.84 -7.39 0.64
C ALA A 122 14.71 -6.81 2.06
N GLN A 123 15.74 -6.99 2.87
CA GLN A 123 15.84 -6.39 4.22
C GLN A 123 16.33 -4.96 3.96
N TYR A 124 15.41 -3.99 3.79
CA TYR A 124 15.70 -2.68 3.16
C TYR A 124 15.89 -1.59 4.23
N TRP A 125 15.74 -1.92 5.52
CA TRP A 125 15.93 -0.95 6.62
C TRP A 125 16.89 -1.57 7.67
N PRO A 126 17.61 -0.73 8.46
CA PRO A 126 18.60 -1.23 9.43
C PRO A 126 17.91 -1.80 10.67
N GLN A 127 18.49 -2.88 11.23
CA GLN A 127 17.90 -3.64 12.36
C GLN A 127 18.51 -3.19 13.71
N LYS A 128 19.62 -2.48 13.68
CA LYS A 128 20.32 -1.97 14.88
C LYS A 128 20.71 -0.51 14.68
N GLU A 129 20.57 0.28 15.76
CA GLU A 129 20.84 1.73 15.81
C GLU A 129 22.24 1.99 15.27
N GLU A 130 23.24 1.20 15.74
CA GLU A 130 24.68 1.47 15.50
C GLU A 130 25.16 0.94 14.13
N LYS A 131 24.27 0.30 13.36
CA LYS A 131 24.65 -0.26 12.03
C LYS A 131 23.79 0.40 10.94
N GLU A 132 24.14 1.59 10.53
CA GLU A 132 23.32 2.34 9.54
C GLU A 132 23.55 1.73 8.14
N MET A 133 22.74 2.13 7.15
CA MET A 133 22.84 1.61 5.77
C MET A 133 23.19 2.78 4.85
N ILE A 134 24.12 2.58 3.94
CA ILE A 134 24.45 3.60 2.91
C ILE A 134 24.08 3.01 1.54
N PHE A 135 23.40 3.80 0.70
CA PHE A 135 22.94 3.41 -0.66
C PHE A 135 23.79 4.21 -1.62
N GLU A 136 24.86 3.61 -2.17
CA GLU A 136 25.89 4.42 -2.88
C GLU A 136 25.29 4.88 -4.22
N ASP A 137 24.47 4.03 -4.85
CA ASP A 137 23.84 4.32 -6.17
C ASP A 137 22.98 5.59 -6.08
N THR A 138 22.33 5.93 -4.95
CA THR A 138 21.41 7.10 -4.85
C THR A 138 21.92 8.15 -3.83
N ASN A 139 23.05 7.89 -3.16
CA ASN A 139 23.71 8.86 -2.24
C ASN A 139 22.80 9.19 -1.04
N LEU A 140 22.23 8.16 -0.41
CA LEU A 140 21.36 8.28 0.79
C LEU A 140 21.93 7.47 1.98
N LYS A 141 21.70 7.94 3.20
CA LYS A 141 22.06 7.21 4.44
C LYS A 141 20.78 7.01 5.26
N LEU A 142 20.61 5.82 5.81
CA LEU A 142 19.39 5.46 6.57
C LEU A 142 19.81 4.90 7.93
N THR A 143 19.27 5.47 9.02
CA THR A 143 19.58 5.07 10.42
C THR A 143 18.34 4.67 11.17
N LEU A 144 18.38 3.56 11.91
CA LEU A 144 17.28 3.24 12.86
C LEU A 144 17.42 4.16 14.09
N ILE A 145 16.34 4.86 14.45
CA ILE A 145 16.29 5.85 15.56
C ILE A 145 15.63 5.16 16.75
N SER A 146 14.53 4.47 16.53
CA SER A 146 13.80 3.77 17.61
C SER A 146 12.85 2.74 17.02
N GLU A 147 12.42 1.81 17.85
CA GLU A 147 11.60 0.65 17.41
C GLU A 147 10.62 0.39 18.54
N ASP A 148 9.34 0.23 18.22
CA ASP A 148 8.28 -0.13 19.21
C ASP A 148 7.55 -1.38 18.72
N ILE A 149 7.80 -2.53 19.35
CA ILE A 149 7.25 -3.85 18.92
C ILE A 149 5.99 -4.17 19.71
N LYS A 150 4.84 -4.29 19.05
CA LYS A 150 3.53 -4.59 19.67
C LYS A 150 3.12 -5.98 19.17
N SER A 151 2.00 -6.52 19.63
CA SER A 151 1.60 -7.92 19.29
C SER A 151 1.24 -8.07 17.81
N TYR A 152 0.66 -7.07 17.14
CA TYR A 152 0.14 -7.22 15.77
C TYR A 152 0.95 -6.36 14.78
N TYR A 153 1.73 -5.41 15.28
CA TYR A 153 2.53 -4.50 14.42
C TYR A 153 3.73 -3.91 15.18
N THR A 154 4.71 -3.44 14.41
CA THR A 154 5.93 -2.73 14.86
C THR A 154 5.97 -1.35 14.20
N VAL A 155 6.20 -0.29 14.98
CA VAL A 155 6.49 1.08 14.44
C VAL A 155 7.96 1.42 14.66
N ARG A 156 8.60 1.93 13.64
CA ARG A 156 10.03 2.35 13.69
C ARG A 156 10.15 3.80 13.25
N GLN A 157 11.01 4.54 13.93
CA GLN A 157 11.45 5.86 13.49
C GLN A 157 12.76 5.72 12.79
N LEU A 158 12.88 6.27 11.58
CA LEU A 158 14.10 6.17 10.72
C LEU A 158 14.53 7.60 10.39
N GLU A 159 15.83 7.81 10.20
CA GLU A 159 16.32 9.10 9.70
C GLU A 159 16.91 8.82 8.32
N LEU A 160 16.41 9.54 7.33
CA LEU A 160 16.92 9.48 5.95
C LEU A 160 17.69 10.78 5.67
N GLU A 161 18.96 10.65 5.31
CA GLU A 161 19.85 11.78 4.98
C GLU A 161 20.20 11.75 3.49
N ASN A 162 19.94 12.86 2.82
CA ASN A 162 20.45 13.14 1.46
C ASN A 162 21.94 13.53 1.56
N LEU A 163 22.88 12.63 1.24
CA LEU A 163 24.32 12.88 1.49
C LEU A 163 24.84 14.00 0.59
N THR A 164 24.10 14.33 -0.48
CA THR A 164 24.45 15.41 -1.45
C THR A 164 24.32 16.77 -0.78
N THR A 165 23.24 17.01 -0.01
CA THR A 165 22.87 18.33 0.57
C THR A 165 22.97 18.31 2.11
N GLN A 166 23.11 17.13 2.72
CA GLN A 166 23.13 16.93 4.19
C GLN A 166 21.79 17.33 4.82
N GLU A 167 20.70 17.47 4.06
CA GLU A 167 19.34 17.54 4.67
C GLU A 167 18.98 16.15 5.25
N THR A 168 18.18 16.15 6.32
CA THR A 168 17.69 14.93 7.00
C THR A 168 16.18 15.04 7.17
N ARG A 169 15.49 13.91 7.18
CA ARG A 169 14.06 13.84 7.51
C ARG A 169 13.78 12.62 8.36
N GLU A 170 12.74 12.72 9.16
CA GLU A 170 12.21 11.58 9.93
C GLU A 170 11.15 10.86 9.07
N ILE A 171 11.33 9.55 8.85
CA ILE A 171 10.32 8.64 8.21
C ILE A 171 9.77 7.71 9.30
N LEU A 172 8.47 7.53 9.38
CA LEU A 172 7.82 6.49 10.19
C LEU A 172 7.60 5.20 9.34
N HIS A 173 8.09 4.07 9.83
CA HIS A 173 7.86 2.71 9.25
C HIS A 173 6.81 1.99 10.05
N PHE A 174 5.62 1.75 9.45
CA PHE A 174 4.50 0.99 10.05
C PHE A 174 4.45 -0.41 9.46
N HIS A 175 4.77 -1.42 10.28
CA HIS A 175 5.01 -2.81 9.81
C HIS A 175 3.94 -3.70 10.41
N TYR A 176 2.95 -4.09 9.62
CA TYR A 176 1.90 -5.04 10.06
C TYR A 176 2.50 -6.45 9.93
N THR A 177 2.66 -7.17 11.05
CA THR A 177 3.54 -8.38 11.13
C THR A 177 2.73 -9.69 11.24
N THR A 178 1.39 -9.66 11.26
CA THR A 178 0.57 -10.85 11.60
C THR A 178 -0.40 -11.23 10.48
N TRP A 179 -0.25 -10.72 9.25
CA TRP A 179 -1.12 -11.21 8.15
C TRP A 179 -0.74 -12.69 7.99
N PRO A 180 -1.71 -13.64 8.08
CA PRO A 180 -1.38 -15.06 8.04
C PRO A 180 -0.84 -15.51 6.68
N ASP A 181 0.01 -16.55 6.68
CA ASP A 181 0.63 -17.17 5.47
C ASP A 181 -0.47 -17.55 4.46
N PHE A 182 -1.62 -18.02 4.94
CA PHE A 182 -2.75 -18.50 4.09
C PHE A 182 -4.01 -17.69 4.37
N GLY A 183 -4.71 -17.30 3.30
CA GLY A 183 -6.00 -16.59 3.34
C GLY A 183 -5.86 -15.17 3.88
N VAL A 184 -6.82 -14.74 4.70
CA VAL A 184 -6.94 -13.37 5.28
C VAL A 184 -7.24 -13.50 6.76
N PRO A 185 -7.06 -12.43 7.57
CA PRO A 185 -7.41 -12.50 8.99
C PRO A 185 -8.90 -12.82 9.26
N GLU A 186 -9.16 -13.64 10.28
CA GLU A 186 -10.54 -14.03 10.68
C GLU A 186 -11.36 -12.80 11.10
N SER A 187 -10.79 -11.92 11.91
CA SER A 187 -11.38 -10.63 12.35
C SER A 187 -10.57 -9.49 11.77
N PRO A 188 -11.22 -8.38 11.34
CA PRO A 188 -10.51 -7.20 10.85
C PRO A 188 -10.10 -6.23 11.95
N ALA A 189 -10.32 -6.59 13.22
CA ALA A 189 -10.10 -5.65 14.36
C ALA A 189 -8.62 -5.21 14.40
N SER A 190 -7.66 -6.11 14.29
CA SER A 190 -6.22 -5.72 14.38
C SER A 190 -5.83 -4.90 13.13
N PHE A 191 -6.37 -5.20 11.95
CA PHE A 191 -6.06 -4.43 10.71
C PHE A 191 -6.58 -2.98 10.82
N LEU A 192 -7.81 -2.80 11.30
CA LEU A 192 -8.47 -1.46 11.43
C LEU A 192 -7.72 -0.59 12.44
N ASN A 193 -7.26 -1.17 13.56
CA ASN A 193 -6.50 -0.45 14.62
C ASN A 193 -5.15 0.01 14.06
N PHE A 194 -4.59 -0.76 13.12
CA PHE A 194 -3.30 -0.45 12.44
C PHE A 194 -3.48 0.78 11.55
N LEU A 195 -4.54 0.82 10.74
CA LEU A 195 -4.87 1.98 9.87
C LEU A 195 -5.01 3.23 10.75
N PHE A 196 -5.82 3.14 11.82
CA PHE A 196 -6.06 4.25 12.77
C PHE A 196 -4.71 4.75 13.30
N LYS A 197 -3.79 3.84 13.61
CA LYS A 197 -2.43 4.21 14.12
C LYS A 197 -1.62 4.90 13.02
N VAL A 198 -1.78 4.48 11.76
CA VAL A 198 -1.08 5.14 10.61
C VAL A 198 -1.66 6.56 10.47
N ARG A 199 -2.99 6.69 10.48
CA ARG A 199 -3.70 7.99 10.39
C ARG A 199 -3.16 8.93 11.49
N GLU A 200 -3.26 8.49 12.74
CA GLU A 200 -2.88 9.23 13.98
C GLU A 200 -1.48 9.84 13.81
N SER A 201 -0.59 9.15 13.10
CA SER A 201 0.81 9.59 12.89
C SER A 201 0.95 10.87 12.04
N GLY A 202 -0.08 11.25 11.27
CA GLY A 202 0.09 12.30 10.23
C GLY A 202 0.49 11.78 8.85
N SER A 203 0.84 10.50 8.72
CA SER A 203 1.45 9.93 7.49
C SER A 203 0.51 10.03 6.28
N LEU A 204 -0.81 10.08 6.50
CA LEU A 204 -1.84 10.05 5.43
C LEU A 204 -2.33 11.47 5.11
N SER A 205 -1.76 12.49 5.74
CA SER A 205 -2.30 13.87 5.70
C SER A 205 -1.70 14.70 4.55
N PRO A 206 -2.47 15.70 4.06
CA PRO A 206 -2.08 16.49 2.90
C PRO A 206 -0.87 17.41 3.07
N GLU A 207 -0.40 17.64 4.30
CA GLU A 207 0.82 18.44 4.49
C GLU A 207 2.08 17.62 4.12
N HIS A 208 1.97 16.32 3.88
CA HIS A 208 3.12 15.47 3.48
C HIS A 208 2.89 14.97 2.04
N GLY A 209 3.94 14.50 1.38
CA GLY A 209 3.85 13.61 0.21
C GLY A 209 2.96 12.38 0.47
N PRO A 210 2.57 11.63 -0.57
CA PRO A 210 1.76 10.43 -0.39
C PRO A 210 2.52 9.37 0.42
N VAL A 211 1.80 8.71 1.31
CA VAL A 211 2.24 7.46 2.00
C VAL A 211 2.73 6.45 0.96
N VAL A 212 3.80 5.71 1.29
CA VAL A 212 4.30 4.60 0.42
C VAL A 212 3.78 3.32 1.00
N VAL A 213 2.95 2.58 0.24
CA VAL A 213 2.43 1.28 0.70
C VAL A 213 2.89 0.10 -0.17
N HIS A 214 3.34 -0.98 0.51
CA HIS A 214 3.82 -2.22 -0.17
C HIS A 214 3.49 -3.50 0.59
N CYS A 215 3.40 -4.57 -0.18
CA CYS A 215 3.42 -5.98 0.27
C CYS A 215 4.48 -6.65 -0.60
N SER A 216 4.27 -7.86 -1.10
CA SER A 216 5.23 -8.45 -2.03
C SER A 216 5.02 -7.85 -3.45
N ALA A 217 3.84 -7.98 -4.04
CA ALA A 217 3.58 -7.46 -5.42
C ALA A 217 3.06 -6.01 -5.38
N GLY A 218 2.56 -5.53 -4.23
CA GLY A 218 1.94 -4.19 -4.10
C GLY A 218 0.54 -4.06 -4.74
N ILE A 219 -0.28 -5.11 -4.72
CA ILE A 219 -1.66 -5.04 -5.28
C ILE A 219 -2.69 -5.68 -4.34
N GLY A 220 -2.29 -6.70 -3.58
CA GLY A 220 -3.23 -7.52 -2.79
C GLY A 220 -3.56 -6.91 -1.44
N ARG A 221 -2.78 -7.24 -0.41
CA ARG A 221 -2.86 -6.56 0.91
C ARG A 221 -2.82 -5.04 0.75
N SER A 222 -1.92 -4.53 -0.07
CA SER A 222 -1.74 -3.08 -0.33
C SER A 222 -3.08 -2.50 -0.82
N GLY A 223 -3.75 -3.21 -1.72
CA GLY A 223 -5.07 -2.77 -2.23
C GLY A 223 -6.08 -2.70 -1.10
N THR A 224 -6.06 -3.69 -0.22
CA THR A 224 -7.03 -3.80 0.90
C THR A 224 -6.86 -2.58 1.79
N PHE A 225 -5.62 -2.19 2.11
CA PHE A 225 -5.33 -1.04 2.99
C PHE A 225 -5.96 0.25 2.40
N CYS A 226 -5.65 0.61 1.15
CA CYS A 226 -6.06 1.93 0.59
C CYS A 226 -7.57 1.94 0.31
N LEU A 227 -8.16 0.79 -0.04
CA LEU A 227 -9.61 0.66 -0.33
C LEU A 227 -10.40 0.91 0.96
N ALA A 228 -9.98 0.27 2.05
CA ALA A 228 -10.67 0.44 3.34
C ALA A 228 -10.52 1.89 3.81
N ASP A 229 -9.32 2.46 3.77
CA ASP A 229 -9.07 3.87 4.18
C ASP A 229 -10.02 4.84 3.43
N THR A 230 -10.00 4.78 2.11
CA THR A 230 -10.78 5.67 1.23
C THR A 230 -12.28 5.48 1.49
N CYS A 231 -12.79 4.26 1.57
CA CYS A 231 -14.24 4.03 1.80
C CYS A 231 -14.71 4.68 3.11
N LEU A 232 -13.93 4.49 4.19
CA LEU A 232 -14.25 5.04 5.53
C LEU A 232 -14.23 6.58 5.49
N LEU A 233 -13.24 7.16 4.81
CA LEU A 233 -13.16 8.64 4.67
C LEU A 233 -14.41 9.15 3.92
N LEU A 234 -14.79 8.54 2.80
CA LEU A 234 -16.03 8.97 2.05
C LEU A 234 -17.28 8.92 2.94
N MET A 235 -17.37 7.93 3.82
CA MET A 235 -18.55 7.75 4.72
C MET A 235 -18.63 8.92 5.71
N ASP A 236 -17.49 9.54 6.05
CA ASP A 236 -17.40 10.68 7.01
C ASP A 236 -17.70 12.00 6.29
N LYS A 237 -17.60 12.02 4.97
CA LYS A 237 -17.69 13.25 4.14
C LYS A 237 -19.10 13.35 3.52
N ARG A 238 -19.58 12.27 2.91
CA ARG A 238 -20.87 12.22 2.15
C ARG A 238 -22.03 12.45 3.12
N LYS A 239 -23.07 13.17 2.68
CA LYS A 239 -24.32 13.40 3.46
C LYS A 239 -24.96 12.06 3.81
N ASP A 240 -24.91 11.09 2.89
CA ASP A 240 -25.49 9.73 3.07
C ASP A 240 -24.38 8.69 2.92
N PRO A 241 -23.75 8.26 4.04
CA PRO A 241 -22.73 7.20 3.98
C PRO A 241 -23.19 5.92 3.25
N SER A 242 -24.50 5.65 3.24
CA SER A 242 -25.13 4.48 2.58
C SER A 242 -24.83 4.49 1.08
N SER A 243 -24.51 5.68 0.52
CA SER A 243 -24.21 5.86 -0.92
C SER A 243 -22.81 5.34 -1.28
N VAL A 244 -21.98 4.93 -0.30
CA VAL A 244 -20.56 4.54 -0.60
C VAL A 244 -20.58 3.11 -1.18
N ASP A 245 -20.16 2.98 -2.43
CA ASP A 245 -20.20 1.72 -3.20
C ASP A 245 -18.75 1.18 -3.32
N ILE A 246 -18.44 0.16 -2.54
CA ILE A 246 -17.03 -0.35 -2.42
C ILE A 246 -16.54 -0.87 -3.79
N LYS A 247 -17.42 -1.48 -4.58
CA LYS A 247 -17.05 -2.02 -5.92
C LYS A 247 -16.68 -0.85 -6.83
N LYS A 248 -17.42 0.25 -6.74
CA LYS A 248 -17.15 1.44 -7.62
C LYS A 248 -15.86 2.12 -7.17
N VAL A 249 -15.59 2.15 -5.88
CA VAL A 249 -14.31 2.75 -5.40
C VAL A 249 -13.14 1.90 -5.88
N LEU A 250 -13.24 0.56 -5.77
CA LEU A 250 -12.17 -0.38 -6.25
C LEU A 250 -11.91 -0.17 -7.75
N LEU A 251 -12.94 -0.07 -8.58
CA LEU A 251 -12.74 0.18 -10.04
C LEU A 251 -12.04 1.51 -10.32
N GLU A 252 -12.39 2.60 -9.60
CA GLU A 252 -11.70 3.91 -9.69
C GLU A 252 -10.21 3.68 -9.39
N MET A 253 -9.91 3.04 -8.27
CA MET A 253 -8.50 2.79 -7.87
C MET A 253 -7.76 1.93 -8.91
N ARG A 254 -8.47 0.98 -9.53
CA ARG A 254 -7.83 0.13 -10.58
C ARG A 254 -7.59 0.94 -11.86
N LYS A 255 -8.04 2.19 -11.96
CA LYS A 255 -7.63 3.02 -13.13
C LYS A 255 -6.15 3.36 -12.96
N PHE A 256 -5.60 3.28 -11.73
CA PHE A 256 -4.23 3.81 -11.47
C PHE A 256 -3.19 2.70 -11.30
N ARG A 257 -3.59 1.50 -10.86
CA ARG A 257 -2.71 0.32 -10.72
C ARG A 257 -3.52 -0.95 -10.94
N MET A 258 -2.99 -1.87 -11.77
CA MET A 258 -3.66 -3.15 -12.12
C MET A 258 -3.78 -4.09 -10.91
N GLY A 259 -4.84 -4.89 -10.90
CA GLY A 259 -4.87 -6.11 -10.08
C GLY A 259 -5.18 -5.89 -8.59
N LEU A 260 -5.51 -4.66 -8.19
CA LEU A 260 -5.73 -4.36 -6.74
C LEU A 260 -6.85 -5.25 -6.20
N ILE A 261 -6.58 -5.92 -5.09
CA ILE A 261 -7.44 -7.01 -4.52
C ILE A 261 -7.23 -8.25 -5.40
N GLN A 262 -6.48 -9.21 -4.89
CA GLN A 262 -5.96 -10.39 -5.66
C GLN A 262 -6.91 -11.60 -5.61
N THR A 263 -7.83 -11.68 -4.64
CA THR A 263 -8.68 -12.88 -4.41
C THR A 263 -10.07 -12.48 -3.94
N ALA A 264 -11.05 -13.37 -4.13
CA ALA A 264 -12.43 -13.17 -3.64
C ALA A 264 -12.43 -13.10 -2.11
N ASP A 265 -11.50 -13.75 -1.42
CA ASP A 265 -11.40 -13.66 0.07
C ASP A 265 -10.91 -12.27 0.49
N GLN A 266 -9.93 -11.71 -0.24
CA GLN A 266 -9.48 -10.30 -0.02
C GLN A 266 -10.67 -9.35 -0.27
N LEU A 267 -11.49 -9.57 -1.30
CA LEU A 267 -12.66 -8.70 -1.54
C LEU A 267 -13.58 -8.77 -0.30
N ARG A 268 -13.94 -9.97 0.17
CA ARG A 268 -14.87 -10.16 1.33
C ARG A 268 -14.27 -9.50 2.59
N PHE A 269 -12.97 -9.70 2.84
CA PHE A 269 -12.29 -9.06 3.98
C PHE A 269 -12.39 -7.51 3.93
N SER A 270 -12.25 -6.92 2.73
CA SER A 270 -12.33 -5.44 2.55
C SER A 270 -13.74 -4.97 2.99
N TYR A 271 -14.78 -5.60 2.43
CA TYR A 271 -16.19 -5.40 2.85
C TYR A 271 -16.28 -5.53 4.38
N LEU A 272 -15.85 -6.68 4.91
CA LEU A 272 -15.93 -6.99 6.36
C LEU A 272 -15.29 -5.83 7.13
N ALA A 273 -14.08 -5.43 6.73
CA ALA A 273 -13.29 -4.33 7.34
C ALA A 273 -14.12 -3.04 7.30
N VAL A 274 -14.64 -2.68 6.13
CA VAL A 274 -15.43 -1.43 5.92
C VAL A 274 -16.71 -1.50 6.76
N ILE A 275 -17.36 -2.68 6.81
CA ILE A 275 -18.64 -2.85 7.58
C ILE A 275 -18.36 -2.65 9.06
N GLU A 276 -17.31 -3.29 9.61
CA GLU A 276 -17.00 -3.24 11.07
C GLU A 276 -16.50 -1.84 11.45
N GLY A 277 -15.79 -1.16 10.54
CA GLY A 277 -15.24 0.19 10.79
C GLY A 277 -16.33 1.24 10.90
N ALA A 278 -17.42 1.06 10.14
CA ALA A 278 -18.56 2.00 10.06
C ALA A 278 -19.36 1.97 11.37
N LYS A 279 -19.27 0.87 12.13
CA LYS A 279 -20.08 0.67 13.37
C LYS A 279 -19.46 1.44 14.53
N PHE A 280 -18.15 1.71 14.48
CA PHE A 280 -17.40 2.44 15.54
C PHE A 280 -17.54 3.96 15.34
N ILE A 281 -17.85 4.39 14.10
CA ILE A 281 -17.92 5.83 13.69
C ILE A 281 -19.38 6.29 13.76
N MET A 282 -20.32 5.43 13.35
CA MET A 282 -21.75 5.78 13.10
C MET A 282 -22.65 5.08 14.13
N GLY A 283 -22.33 3.83 14.47
CA GLY A 283 -23.15 2.99 15.39
C GLY A 283 -23.01 3.46 16.82
N ASP A 284 -22.36 2.65 17.66
CA ASP A 284 -21.99 3.01 19.06
C ASP A 284 -20.84 4.03 18.99
C TRS B . -2.48 11.74 -15.42
C1 TRS B . -3.05 10.31 -15.36
C2 TRS B . -3.61 12.79 -15.36
C3 TRS B . -1.69 11.92 -16.70
N TRS B . -1.53 11.98 -14.25
O1 TRS B . -2.79 9.67 -14.11
O2 TRS B . -4.43 12.63 -14.21
O3 TRS B . -0.67 10.92 -16.87
H11 TRS B . -2.64 9.78 -16.07
H12 TRS B . -4.01 10.34 -15.52
H21 TRS B . -4.16 12.71 -16.16
H22 TRS B . -3.22 13.68 -15.35
H31 TRS B . -1.28 12.82 -16.70
H32 TRS B . -2.30 11.87 -17.46
HN1 TRS B . -0.73 12.31 -14.55
HN2 TRS B . -1.37 11.21 -13.81
HN3 TRS B . -1.88 12.58 -13.67
HO1 TRS B . -3.04 8.80 -13.93
HO2 TRS B . -5.25 12.68 -13.94
HO3 TRS B . -0.29 10.78 -16.12
N1 A1ABW C . -10.44 3.09 15.29
C4 A1ABW C . -12.84 3.16 11.50
C5 A1ABW C . -12.62 4.15 10.57
C6 A1ABW C . -11.33 4.43 10.16
C7 A1ABW C . -10.28 3.72 10.66
C8 A1ABW C . -10.50 2.72 11.60
C10 A1ABW C . -10.71 3.82 17.66
C13 A1ABW C . -9.48 0.43 18.64
C15 A1ABW C . -9.61 0.93 16.16
C1 A1ABW C . -11.57 3.18 14.57
C11 A1ABW C . -10.81 2.32 17.97
C12 A1ABW C . -11.01 1.99 19.45
C14 A1ABW C . -9.58 1.50 17.57
C16 A1ABW C . -9.48 1.99 15.11
C2 A1ABW C . -12.03 1.37 13.05
C3 A1ABW C . -11.78 2.43 12.01
C9 A1ABW C . -10.12 4.11 16.30
N2 A1ABW C . -10.35 0.70 19.60
O1 A1ABW C . -12.08 4.23 14.23
O2 A1ABW C . -12.11 1.96 14.38
O3 A1ABW C . -8.71 -0.55 18.61
H3 A1ABW C . -13.73 2.97 11.79
H4 A1ABW C . -13.34 4.64 10.22
H5 A1ABW C . -11.18 5.11 9.51
H6 A1ABW C . -9.39 3.91 10.38
H7 A1ABW C . -9.76 2.24 11.95
H10 A1ABW C . -11.60 4.21 17.71
H11 A1ABW C . -10.15 4.24 18.34
H17 A1ABW C . -10.46 0.44 16.03
H18 A1ABW C . -8.88 0.29 16.06
H12 A1ABW C . -11.59 1.97 17.47
H14 A1ABW C . -11.97 1.93 19.67
H13 A1ABW C . -10.59 2.67 20.03
H16 A1ABW C . -8.78 2.09 17.65
H19 A1ABW C . -8.57 2.37 15.14
H20 A1ABW C . -9.61 1.59 14.22
H1 A1ABW C . -12.86 0.90 12.84
H2 A1ABW C . -11.30 0.72 13.02
H8 A1ABW C . -9.14 4.18 16.38
H9 A1ABW C . -10.45 4.98 15.99
H15 A1ABW C . -10.51 0.14 20.25
#